data_5P92
#
_entry.id   5P92
#
_cell.length_a   49.929
_cell.length_b   54.207
_cell.length_c   81.134
_cell.angle_alpha   90.000
_cell.angle_beta   90.000
_cell.angle_gamma   90.000
#
_symmetry.space_group_name_H-M   'P 21 21 21'
#
loop_
_entity.id
_entity.type
_entity.pdbx_description
1 polymer 'Catechol O-methyltransferase'
2 non-polymer 'MAGNESIUM ION'
3 non-polymer 'CHLORIDE ION'
4 non-polymer 'SULFATE ION'
5 non-polymer 5-(4-fluorophenyl)-2,3-dihydroxy-N-(4-thieno[2,3-c]pyridin-2-ylbutyl)benzamide
6 non-polymer (4S,5S)-1,2-DITHIANE-4,5-DIOL
7 non-polymer '2-[N-CYCLOHEXYLAMINO]ETHANE SULFONIC ACID'
8 water water
#
_entity_poly.entity_id   1
_entity_poly.type   'polypeptide(L)'
_entity_poly.pdbx_seq_one_letter_code
;MGDTKEQRILRYVQQNAKPGDPQSVLEAIDTYCTQKEWAMNVGDAKGQIMDAVIREYSPSLVLELGAYCGYSAVRMARLL
QPGARLLTMEINPDCAAITQQMLNFAGLQDKVTILNGASQDLIPQLKKKYDVDTLDMVFLDHWKDRYLPDTLLLEKCGLL
RKGTVLLADNVIVPGTPDFLAYVRGSSSFECTHYSSYLEYMKVVDGLEKAIYQGPSSPDKS
;
_entity_poly.pdbx_strand_id   A
#
loop_
_chem_comp.id
_chem_comp.type
_chem_comp.name
_chem_comp.formula
76G non-polymer 5-(4-fluorophenyl)-2,3-dihydroxy-N-(4-thieno[2,3-c]pyridin-2-ylbutyl)benzamide 'C24 H21 F N2 O3 S'
CL non-polymer 'CHLORIDE ION' 'Cl -1'
D1D non-polymer (4S,5S)-1,2-DITHIANE-4,5-DIOL 'C4 H8 O2 S2'
MG non-polymer 'MAGNESIUM ION' 'Mg 2'
NHE non-polymer '2-[N-CYCLOHEXYLAMINO]ETHANE SULFONIC ACID' 'C8 H17 N O3 S'
SO4 non-polymer 'SULFATE ION' 'O4 S -2'
#
# COMPACT_ATOMS: atom_id res chain seq x y z
N ASP A 3 5.06 25.43 4.50
CA ASP A 3 4.37 24.18 4.11
C ASP A 3 5.18 22.96 4.54
N THR A 4 4.59 21.78 4.37
CA THR A 4 5.17 20.52 4.79
C THR A 4 5.86 19.83 3.57
N LYS A 5 6.68 18.82 3.89
CA LYS A 5 7.33 18.04 2.88
C LYS A 5 6.28 17.39 1.95
N GLU A 6 5.18 16.95 2.53
CA GLU A 6 4.15 16.26 1.74
C GLU A 6 3.45 17.21 0.78
N GLN A 7 3.22 18.43 1.23
CA GLN A 7 2.69 19.45 0.34
CA GLN A 7 2.68 19.48 0.34
C GLN A 7 3.65 19.80 -0.78
N ARG A 8 4.95 19.83 -0.48
CA ARG A 8 5.94 20.12 -1.51
C ARG A 8 5.98 18.99 -2.53
N ILE A 9 5.81 17.74 -2.11
CA ILE A 9 5.82 16.61 -3.07
C ILE A 9 4.55 16.76 -3.98
N LEU A 10 3.40 17.05 -3.39
CA LEU A 10 2.19 17.23 -4.19
C LEU A 10 2.36 18.34 -5.22
N ARG A 11 2.90 19.49 -4.78
CA ARG A 11 3.08 20.61 -5.70
C ARG A 11 4.03 20.24 -6.80
N TYR A 12 5.11 19.53 -6.45
CA TYR A 12 6.05 19.10 -7.48
C TYR A 12 5.37 18.24 -8.51
N VAL A 13 4.59 17.28 -8.06
CA VAL A 13 3.84 16.45 -9.02
C VAL A 13 2.96 17.34 -9.92
N GLN A 14 2.22 18.26 -9.32
CA GLN A 14 1.27 19.12 -10.06
C GLN A 14 2.00 19.93 -11.13
N GLN A 15 3.27 20.23 -10.88
CA GLN A 15 4.02 21.11 -11.76
C GLN A 15 5.01 20.39 -12.66
N ASN A 16 5.16 19.07 -12.48
CA ASN A 16 6.18 18.28 -13.24
C ASN A 16 5.72 16.95 -13.82
N ALA A 17 4.48 16.60 -13.60
CA ALA A 17 3.85 15.44 -14.18
C ALA A 17 2.73 15.89 -15.10
N LYS A 18 2.20 14.95 -15.87
CA LYS A 18 1.08 15.22 -16.79
C LYS A 18 -0.24 14.76 -16.12
N PRO A 19 -1.26 15.65 -16.01
CA PRO A 19 -2.52 15.20 -15.45
C PRO A 19 -3.08 14.02 -16.19
N GLY A 20 -3.61 13.07 -15.42
CA GLY A 20 -4.17 11.86 -15.93
C GLY A 20 -3.19 10.79 -16.34
N ASP A 21 -1.89 10.98 -16.05
CA ASP A 21 -0.85 10.01 -16.44
C ASP A 21 -0.16 9.50 -15.15
N PRO A 22 -0.67 8.36 -14.65
CA PRO A 22 -0.11 7.83 -13.41
C PRO A 22 1.39 7.58 -13.46
N GLN A 23 1.91 7.10 -14.59
CA GLN A 23 3.36 6.81 -14.63
C GLN A 23 4.14 8.09 -14.43
N SER A 24 3.67 9.21 -15.02
CA SER A 24 4.40 10.50 -14.88
C SER A 24 4.34 10.95 -13.39
N VAL A 25 3.25 10.63 -12.68
CA VAL A 25 3.10 10.98 -11.27
C VAL A 25 4.15 10.23 -10.44
N LEU A 26 4.28 8.94 -10.66
CA LEU A 26 5.26 8.14 -9.95
C LEU A 26 6.70 8.63 -10.18
N GLU A 27 6.99 8.94 -11.44
CA GLU A 27 8.31 9.43 -11.81
C GLU A 27 8.59 10.73 -11.11
N ALA A 28 7.59 11.61 -11.05
CA ALA A 28 7.81 12.92 -10.50
C ALA A 28 8.08 12.77 -9.01
N ILE A 29 7.33 11.89 -8.34
CA ILE A 29 7.54 11.71 -6.90
C ILE A 29 8.93 11.13 -6.67
N ASP A 30 9.32 10.14 -7.48
CA ASP A 30 10.61 9.49 -7.25
C ASP A 30 11.79 10.46 -7.52
N THR A 31 11.63 11.31 -8.52
CA THR A 31 12.64 12.33 -8.77
C THR A 31 12.76 13.29 -7.59
N TYR A 32 11.62 13.79 -7.11
CA TYR A 32 11.62 14.75 -6.04
C TYR A 32 12.30 14.13 -4.83
N CYS A 33 11.94 12.88 -4.56
CA CYS A 33 12.41 12.27 -3.30
C CYS A 33 13.87 11.82 -3.38
N THR A 34 14.36 11.64 -4.60
CA THR A 34 15.75 11.35 -4.86
C THR A 34 16.63 12.59 -4.84
N GLN A 35 16.15 13.68 -5.45
CA GLN A 35 16.96 14.88 -5.64
C GLN A 35 16.77 15.95 -4.57
N LYS A 36 15.61 16.00 -3.93
CA LYS A 36 15.28 17.08 -2.96
C LYS A 36 15.12 16.62 -1.52
N GLU A 37 14.10 15.81 -1.22
CA GLU A 37 13.79 15.44 0.16
C GLU A 37 13.39 13.98 0.18
N TRP A 38 14.07 13.16 0.98
CA TRP A 38 13.63 11.79 1.18
C TRP A 38 12.22 11.74 1.75
N ALA A 39 11.43 10.75 1.35
CA ALA A 39 10.18 10.54 2.00
C ALA A 39 9.79 9.05 1.94
N MET A 40 8.92 8.63 2.83
CA MET A 40 8.65 7.20 3.03
C MET A 40 7.65 6.59 2.04
N ASN A 41 7.75 6.96 0.79
CA ASN A 41 6.99 6.31 -0.29
C ASN A 41 7.63 4.94 -0.52
N VAL A 42 6.90 3.99 -1.05
CA VAL A 42 7.46 2.63 -1.23
CA VAL A 42 7.45 2.64 -1.27
C VAL A 42 8.65 2.69 -2.19
N GLY A 43 8.64 3.63 -3.14
CA GLY A 43 9.76 3.84 -4.04
C GLY A 43 9.76 2.91 -5.24
N ASP A 44 10.63 3.18 -6.17
CA ASP A 44 10.64 2.43 -7.43
C ASP A 44 11.19 1.01 -7.33
N ALA A 45 12.19 0.76 -6.48
CA ALA A 45 12.80 -0.56 -6.34
C ALA A 45 11.77 -1.57 -5.85
N LYS A 46 11.15 -1.26 -4.72
CA LYS A 46 10.11 -2.11 -4.18
C LYS A 46 8.84 -1.99 -5.02
N GLY A 47 8.57 -0.80 -5.57
CA GLY A 47 7.41 -0.61 -6.45
C GLY A 47 7.39 -1.57 -7.62
N GLN A 48 8.56 -1.86 -8.15
CA GLN A 48 8.59 -2.80 -9.30
C GLN A 48 8.16 -4.19 -8.89
N ILE A 49 8.54 -4.60 -7.66
CA ILE A 49 8.10 -5.90 -7.16
C ILE A 49 6.58 -5.89 -6.93
N MET A 50 6.06 -4.81 -6.30
CA MET A 50 4.59 -4.63 -6.17
CA MET A 50 4.61 -4.60 -6.15
C MET A 50 3.90 -4.77 -7.50
N ASP A 51 4.39 -4.11 -8.53
CA ASP A 51 3.76 -4.18 -9.85
C ASP A 51 3.66 -5.64 -10.31
N ALA A 52 4.76 -6.38 -10.14
CA ALA A 52 4.81 -7.77 -10.62
C ALA A 52 3.77 -8.60 -9.87
N VAL A 53 3.64 -8.38 -8.56
CA VAL A 53 2.63 -9.06 -7.77
C VAL A 53 1.22 -8.70 -8.21
N ILE A 54 0.94 -7.42 -8.39
CA ILE A 54 -0.38 -6.96 -8.80
C ILE A 54 -0.76 -7.59 -10.14
N ARG A 55 0.19 -7.64 -11.05
CA ARG A 55 -0.07 -8.20 -12.37
CA ARG A 55 -0.05 -8.21 -12.39
C ARG A 55 -0.28 -9.72 -12.31
N GLU A 56 0.33 -10.37 -11.35
CA GLU A 56 0.15 -11.84 -11.25
C GLU A 56 -1.26 -12.17 -10.77
N TYR A 57 -1.73 -11.43 -9.77
CA TYR A 57 -3.02 -11.73 -9.14
C TYR A 57 -4.26 -10.99 -9.67
N SER A 58 -4.05 -9.87 -10.38
CA SER A 58 -5.14 -9.04 -10.88
CA SER A 58 -5.14 -9.07 -10.89
C SER A 58 -6.28 -8.92 -9.88
N PRO A 59 -5.99 -8.40 -8.70
CA PRO A 59 -7.00 -8.35 -7.65
C PRO A 59 -8.15 -7.42 -7.99
N SER A 60 -9.35 -7.86 -7.64
CA SER A 60 -10.55 -7.00 -7.82
C SER A 60 -10.81 -6.00 -6.72
N LEU A 61 -10.41 -6.33 -5.49
CA LEU A 61 -10.58 -5.50 -4.31
C LEU A 61 -9.31 -5.59 -3.43
N VAL A 62 -8.65 -4.44 -3.32
CA VAL A 62 -7.41 -4.31 -2.59
C VAL A 62 -7.65 -3.38 -1.40
N LEU A 63 -7.11 -3.74 -0.25
CA LEU A 63 -7.06 -2.86 0.92
C LEU A 63 -5.61 -2.47 1.16
N GLU A 64 -5.40 -1.17 1.35
CA GLU A 64 -4.12 -0.62 1.72
C GLU A 64 -4.18 0.01 3.08
N LEU A 65 -3.23 -0.35 3.96
CA LEU A 65 -3.10 0.26 5.23
C LEU A 65 -1.93 1.21 5.19
N GLY A 66 -2.23 2.51 5.22
CA GLY A 66 -1.19 3.50 5.18
C GLY A 66 -1.13 4.01 3.74
N ALA A 67 -1.71 5.16 3.49
CA ALA A 67 -1.57 5.77 2.16
C ALA A 67 -0.36 6.69 1.97
N TYR A 68 -0.10 7.48 3.01
CA TYR A 68 0.91 8.53 3.02
C TYR A 68 0.54 9.63 2.02
N CYS A 69 1.23 9.70 0.89
CA CYS A 69 0.95 10.74 -0.11
C CYS A 69 0.27 10.14 -1.34
N GLY A 70 0.04 8.84 -1.31
CA GLY A 70 -0.66 8.17 -2.43
C GLY A 70 0.21 7.52 -3.46
N TYR A 71 1.53 7.47 -3.25
CA TYR A 71 2.42 6.85 -4.18
C TYR A 71 2.04 5.38 -4.44
N SER A 72 1.91 4.56 -3.39
CA SER A 72 1.52 3.15 -3.56
CA SER A 72 1.54 3.16 -3.61
C SER A 72 0.12 2.99 -4.11
N ALA A 73 -0.77 3.91 -3.75
CA ALA A 73 -2.14 3.82 -4.27
C ALA A 73 -2.16 4.08 -5.75
N VAL A 74 -1.41 5.10 -6.19
CA VAL A 74 -1.26 5.34 -7.63
C VAL A 74 -0.63 4.10 -8.29
N ARG A 75 0.45 3.59 -7.70
CA ARG A 75 1.13 2.43 -8.28
C ARG A 75 0.15 1.26 -8.52
N MET A 76 -0.63 0.94 -7.51
CA MET A 76 -1.50 -0.23 -7.59
C MET A 76 -2.71 0.06 -8.45
N ALA A 77 -3.36 1.20 -8.22
CA ALA A 77 -4.58 1.52 -8.94
C ALA A 77 -4.38 1.61 -10.46
N ARG A 78 -3.19 2.03 -10.90
CA ARG A 78 -2.95 2.19 -12.35
C ARG A 78 -2.93 0.81 -13.03
N LEU A 79 -2.74 -0.26 -12.28
CA LEU A 79 -2.61 -1.59 -12.81
C LEU A 79 -3.87 -2.42 -12.61
N LEU A 80 -4.85 -1.87 -11.92
CA LEU A 80 -6.11 -2.57 -11.69
C LEU A 80 -6.92 -2.63 -12.99
N GLN A 81 -7.66 -3.73 -13.14
CA GLN A 81 -8.57 -3.89 -14.26
C GLN A 81 -9.79 -3.00 -14.14
N PRO A 82 -10.49 -2.74 -15.27
CA PRO A 82 -11.68 -1.94 -15.11
C PRO A 82 -12.68 -2.47 -14.09
N GLY A 83 -13.21 -1.58 -13.29
CA GLY A 83 -14.16 -1.91 -12.25
C GLY A 83 -13.53 -2.41 -10.94
N ALA A 84 -12.24 -2.68 -10.94
CA ALA A 84 -11.56 -3.16 -9.71
C ALA A 84 -11.35 -1.94 -8.85
N ARG A 85 -11.16 -2.18 -7.55
CA ARG A 85 -11.18 -1.09 -6.56
C ARG A 85 -10.09 -1.23 -5.49
N LEU A 86 -9.63 -0.10 -5.04
CA LEU A 86 -8.69 0.01 -3.93
C LEU A 86 -9.32 0.85 -2.84
N LEU A 87 -9.28 0.33 -1.61
CA LEU A 87 -9.64 1.07 -0.41
C LEU A 87 -8.32 1.35 0.33
N THR A 88 -8.05 2.60 0.67
CA THR A 88 -6.79 2.89 1.38
C THR A 88 -7.08 3.68 2.63
N MET A 89 -6.53 3.23 3.76
CA MET A 89 -6.80 3.85 5.06
C MET A 89 -5.62 4.73 5.50
N GLU A 90 -5.93 5.94 5.96
CA GLU A 90 -4.86 6.87 6.32
C GLU A 90 -5.29 7.61 7.58
N ILE A 91 -4.45 7.51 8.62
CA ILE A 91 -4.76 8.07 9.90
C ILE A 91 -4.52 9.60 9.98
N ASN A 92 -3.62 10.12 9.18
CA ASN A 92 -3.24 11.53 9.22
C ASN A 92 -4.10 12.29 8.21
N PRO A 93 -4.94 13.22 8.70
CA PRO A 93 -5.88 13.83 7.77
C PRO A 93 -5.17 14.68 6.73
N ASP A 94 -4.05 15.31 7.09
CA ASP A 94 -3.31 16.10 6.09
C ASP A 94 -2.83 15.20 4.98
N CYS A 95 -2.33 14.04 5.35
CA CYS A 95 -1.87 13.06 4.35
C CYS A 95 -3.04 12.46 3.57
N ALA A 96 -4.19 12.25 4.23
CA ALA A 96 -5.36 11.77 3.53
C ALA A 96 -5.76 12.76 2.43
N ALA A 97 -5.75 14.05 2.78
CA ALA A 97 -6.07 15.09 1.76
C ALA A 97 -5.01 15.17 0.64
N ILE A 98 -3.72 15.01 0.95
CA ILE A 98 -2.71 14.96 -0.11
CA ILE A 98 -2.69 14.93 -0.08
C ILE A 98 -2.94 13.75 -1.01
N THR A 99 -3.23 12.60 -0.42
CA THR A 99 -3.46 11.39 -1.18
C THR A 99 -4.66 11.57 -2.12
N GLN A 100 -5.73 12.14 -1.60
CA GLN A 100 -6.88 12.39 -2.49
C GLN A 100 -6.51 13.26 -3.68
N GLN A 101 -5.78 14.33 -3.42
CA GLN A 101 -5.38 15.23 -4.48
C GLN A 101 -4.42 14.57 -5.47
N MET A 102 -3.57 13.67 -4.96
CA MET A 102 -2.63 12.96 -5.80
C MET A 102 -3.38 12.04 -6.76
N LEU A 103 -4.34 11.32 -6.24
CA LEU A 103 -5.15 10.44 -7.06
C LEU A 103 -6.01 11.21 -8.05
N ASN A 104 -6.57 12.33 -7.63
CA ASN A 104 -7.31 13.22 -8.54
C ASN A 104 -6.41 13.63 -9.70
N PHE A 105 -5.18 14.08 -9.41
CA PHE A 105 -4.28 14.53 -10.44
C PHE A 105 -3.95 13.39 -11.43
N ALA A 106 -3.70 12.21 -10.87
CA ALA A 106 -3.40 11.05 -11.68
C ALA A 106 -4.58 10.49 -12.49
N GLY A 107 -5.77 10.98 -12.20
CA GLY A 107 -7.03 10.51 -12.84
C GLY A 107 -7.53 9.16 -12.37
N LEU A 108 -7.12 8.78 -11.16
CA LEU A 108 -7.46 7.44 -10.60
C LEU A 108 -8.55 7.50 -9.52
N GLN A 109 -9.13 8.65 -9.27
CA GLN A 109 -10.09 8.83 -8.17
C GLN A 109 -11.29 7.91 -8.23
N ASP A 110 -11.69 7.47 -9.43
CA ASP A 110 -12.87 6.61 -9.48
C ASP A 110 -12.56 5.18 -9.07
N LYS A 111 -11.26 4.83 -8.97
CA LYS A 111 -10.82 3.48 -8.60
C LYS A 111 -10.51 3.32 -7.11
N VAL A 112 -10.37 4.44 -6.42
CA VAL A 112 -9.80 4.43 -5.06
C VAL A 112 -10.67 5.17 -4.12
N THR A 113 -10.91 4.63 -2.90
CA THR A 113 -11.62 5.32 -1.85
C THR A 113 -10.64 5.49 -0.71
N ILE A 114 -10.42 6.73 -0.28
CA ILE A 114 -9.44 7.00 0.75
C ILE A 114 -10.21 7.23 2.00
N LEU A 115 -10.07 6.30 2.96
CA LEU A 115 -10.72 6.29 4.25
C LEU A 115 -9.82 6.92 5.32
N ASN A 116 -10.19 8.11 5.85
CA ASN A 116 -9.42 8.79 6.88
C ASN A 116 -9.79 8.21 8.27
N GLY A 117 -8.87 7.51 8.95
CA GLY A 117 -9.10 6.97 10.25
C GLY A 117 -8.04 5.92 10.61
N ALA A 118 -8.18 5.32 11.80
CA ALA A 118 -7.24 4.27 12.27
C ALA A 118 -7.71 2.92 11.78
N SER A 119 -6.76 2.08 11.36
CA SER A 119 -7.07 0.74 10.87
C SER A 119 -7.83 -0.12 11.89
N GLN A 120 -7.52 0.02 13.18
CA GLN A 120 -8.18 -0.85 14.15
C GLN A 120 -9.66 -0.45 14.38
N ASP A 121 -9.97 0.81 14.04
CA ASP A 121 -11.36 1.31 14.08
C ASP A 121 -12.09 1.03 12.80
N LEU A 122 -11.39 1.18 11.65
CA LEU A 122 -12.05 1.08 10.32
C LEU A 122 -12.21 -0.39 9.80
N ILE A 123 -11.27 -1.26 10.12
CA ILE A 123 -11.35 -2.64 9.64
C ILE A 123 -12.67 -3.29 10.03
N PRO A 124 -13.13 -3.11 11.30
CA PRO A 124 -14.41 -3.76 11.67
C PRO A 124 -15.64 -3.16 10.95
N GLN A 125 -15.48 -2.02 10.31
CA GLN A 125 -16.57 -1.40 9.58
C GLN A 125 -16.62 -1.79 8.10
N LEU A 126 -15.59 -2.46 7.60
CA LEU A 126 -15.55 -2.73 6.17
C LEU A 126 -16.76 -3.48 5.62
N LYS A 127 -17.20 -4.53 6.30
CA LYS A 127 -18.30 -5.34 5.79
C LYS A 127 -19.60 -4.57 5.70
N LYS A 128 -20.03 -4.02 6.82
CA LYS A 128 -21.28 -3.27 6.85
C LYS A 128 -21.13 -1.91 6.12
N LYS A 129 -20.24 -1.05 6.59
CA LYS A 129 -20.12 0.29 5.98
C LYS A 129 -19.67 0.37 4.51
N TYR A 130 -18.69 -0.44 4.12
CA TYR A 130 -18.12 -0.33 2.77
C TYR A 130 -18.50 -1.53 1.89
N ASP A 131 -19.45 -2.33 2.38
CA ASP A 131 -20.03 -3.44 1.65
C ASP A 131 -18.99 -4.45 1.15
N VAL A 132 -17.96 -4.68 1.96
CA VAL A 132 -16.91 -5.60 1.59
C VAL A 132 -17.36 -7.01 2.00
N ASP A 133 -17.14 -7.98 1.13
CA ASP A 133 -17.24 -9.39 1.50
C ASP A 133 -15.86 -9.87 1.94
N THR A 134 -14.98 -10.20 1.00
CA THR A 134 -13.63 -10.57 1.35
C THR A 134 -12.68 -9.77 0.49
N LEU A 135 -11.45 -9.61 0.99
CA LEU A 135 -10.42 -8.93 0.26
C LEU A 135 -9.61 -9.87 -0.62
N ASP A 136 -9.22 -9.40 -1.79
CA ASP A 136 -8.31 -10.16 -2.66
C ASP A 136 -6.82 -9.94 -2.32
N MET A 137 -6.50 -8.75 -1.81
CA MET A 137 -5.13 -8.43 -1.53
C MET A 137 -5.15 -7.33 -0.48
N VAL A 138 -4.10 -7.35 0.37
CA VAL A 138 -3.92 -6.30 1.38
C VAL A 138 -2.49 -5.84 1.31
N PHE A 139 -2.29 -4.54 1.18
CA PHE A 139 -0.94 -3.95 1.24
C PHE A 139 -0.74 -3.29 2.62
N LEU A 140 0.23 -3.77 3.39
CA LEU A 140 0.50 -3.25 4.72
C LEU A 140 1.66 -2.31 4.68
N ASP A 141 1.41 -1.05 5.08
CA ASP A 141 2.44 -0.02 5.02
C ASP A 141 2.21 1.05 6.05
N HIS A 142 1.66 0.61 7.18
CA HIS A 142 1.30 1.56 8.28
C HIS A 142 2.30 1.35 9.45
N TRP A 143 1.88 1.61 10.69
CA TRP A 143 2.74 1.39 11.84
C TRP A 143 3.22 -0.07 11.84
N LYS A 144 4.52 -0.28 11.96
CA LYS A 144 5.11 -1.60 11.79
C LYS A 144 4.65 -2.52 12.91
N ASP A 145 4.38 -1.96 14.09
CA ASP A 145 3.86 -2.82 15.18
C ASP A 145 2.39 -3.11 15.02
N ARG A 146 1.72 -2.62 13.98
CA ARG A 146 0.31 -3.00 13.73
C ARG A 146 0.13 -4.07 12.67
N TYR A 147 1.20 -4.46 11.99
CA TYR A 147 1.03 -5.46 10.93
C TYR A 147 0.39 -6.75 11.47
N LEU A 148 0.94 -7.27 12.57
CA LEU A 148 0.44 -8.49 13.12
C LEU A 148 -0.96 -8.31 13.71
N PRO A 149 -1.17 -7.32 14.58
CA PRO A 149 -2.55 -7.23 15.12
C PRO A 149 -3.61 -6.96 14.08
N ASP A 150 -3.27 -6.20 13.07
CA ASP A 150 -4.30 -5.97 12.04
C ASP A 150 -4.54 -7.19 11.14
N THR A 151 -3.49 -8.00 10.88
CA THR A 151 -3.70 -9.28 10.17
C THR A 151 -4.66 -10.18 10.95
N LEU A 152 -4.47 -10.27 12.28
CA LEU A 152 -5.35 -11.08 13.09
C LEU A 152 -6.76 -10.49 13.20
N LEU A 153 -6.86 -9.17 13.18
CA LEU A 153 -8.16 -8.50 13.13
C LEU A 153 -8.89 -8.71 11.81
N LEU A 154 -8.16 -8.68 10.71
CA LEU A 154 -8.75 -8.99 9.42
C LEU A 154 -9.32 -10.39 9.39
N GLU A 155 -8.58 -11.37 9.92
CA GLU A 155 -9.09 -12.73 9.93
C GLU A 155 -10.35 -12.81 10.81
N LYS A 156 -10.28 -12.19 11.99
CA LYS A 156 -11.41 -12.22 12.93
C LYS A 156 -12.66 -11.68 12.29
N CYS A 157 -12.50 -10.62 11.50
CA CYS A 157 -13.63 -9.94 10.82
C CYS A 157 -14.15 -10.68 9.63
N GLY A 158 -13.55 -11.81 9.30
CA GLY A 158 -13.95 -12.61 8.17
C GLY A 158 -13.65 -11.96 6.80
N LEU A 159 -12.62 -11.15 6.78
CA LEU A 159 -12.24 -10.39 5.58
C LEU A 159 -11.22 -11.11 4.70
N LEU A 160 -10.63 -12.20 5.20
CA LEU A 160 -9.69 -13.03 4.41
C LEU A 160 -10.38 -14.26 3.84
N ARG A 161 -9.98 -14.62 2.65
CA ARG A 161 -10.43 -15.86 2.01
C ARG A 161 -9.19 -16.68 1.63
N LYS A 162 -9.40 -17.95 1.28
CA LYS A 162 -8.34 -18.76 0.70
C LYS A 162 -7.75 -18.00 -0.50
N GLY A 163 -6.46 -17.76 -0.45
CA GLY A 163 -5.82 -17.09 -1.59
C GLY A 163 -5.63 -15.57 -1.41
N THR A 164 -6.20 -14.97 -0.37
CA THR A 164 -5.97 -13.53 -0.13
C THR A 164 -4.46 -13.28 0.03
N VAL A 165 -3.95 -12.31 -0.71
CA VAL A 165 -2.52 -12.02 -0.73
C VAL A 165 -2.20 -10.85 0.19
N LEU A 166 -1.43 -11.08 1.23
CA LEU A 166 -0.92 -9.99 2.03
C LEU A 166 0.45 -9.64 1.44
N LEU A 167 0.67 -8.36 1.20
CA LEU A 167 1.99 -7.87 0.77
C LEU A 167 2.40 -6.77 1.77
N ALA A 168 3.55 -6.96 2.40
CA ALA A 168 3.99 -6.12 3.51
C ALA A 168 5.27 -5.40 3.24
N ASP A 169 5.21 -4.08 3.32
CA ASP A 169 6.41 -3.21 3.15
C ASP A 169 7.24 -3.22 4.40
N ASN A 170 8.53 -2.95 4.23
CA ASN A 170 9.42 -2.63 5.39
C ASN A 170 9.65 -3.74 6.38
N VAL A 171 9.63 -4.98 5.92
CA VAL A 171 9.72 -6.05 6.87
C VAL A 171 11.13 -6.16 7.42
N ILE A 172 12.10 -5.50 6.75
CA ILE A 172 13.51 -5.46 7.21
C ILE A 172 13.80 -4.10 7.88
N VAL A 173 13.48 -2.99 7.19
CA VAL A 173 13.67 -1.64 7.77
C VAL A 173 12.41 -0.81 7.56
N PRO A 174 11.78 -0.31 8.64
CA PRO A 174 12.21 -0.44 10.07
C PRO A 174 12.15 -1.86 10.62
N GLY A 175 11.39 -2.74 9.98
CA GLY A 175 11.28 -4.11 10.37
C GLY A 175 9.96 -4.40 11.06
N THR A 176 9.49 -5.64 10.89
CA THR A 176 8.26 -6.10 11.52
CA THR A 176 8.25 -6.12 11.46
C THR A 176 8.47 -7.53 12.02
N PRO A 177 9.34 -7.67 13.04
CA PRO A 177 9.77 -9.00 13.48
C PRO A 177 8.65 -9.91 13.94
N ASP A 178 7.68 -9.39 14.69
CA ASP A 178 6.60 -10.26 15.18
C ASP A 178 5.72 -10.74 14.02
N PHE A 179 5.36 -9.85 13.11
CA PHE A 179 4.58 -10.24 11.95
C PHE A 179 5.32 -11.30 11.11
N LEU A 180 6.61 -11.09 10.82
CA LEU A 180 7.36 -12.05 10.03
C LEU A 180 7.41 -13.43 10.71
N ALA A 181 7.78 -13.46 11.99
CA ALA A 181 7.78 -14.72 12.72
C ALA A 181 6.43 -15.44 12.72
N TYR A 182 5.35 -14.68 12.87
CA TYR A 182 4.03 -15.25 12.92
C TYR A 182 3.64 -15.87 11.56
N VAL A 183 3.72 -15.10 10.49
CA VAL A 183 3.22 -15.63 9.24
C VAL A 183 4.12 -16.76 8.77
N ARG A 184 5.41 -16.63 9.01
CA ARG A 184 6.38 -17.63 8.50
C ARG A 184 6.22 -18.95 9.24
N GLY A 185 5.77 -18.87 10.48
CA GLY A 185 5.52 -20.07 11.27
C GLY A 185 4.12 -20.61 11.30
N SER A 186 3.20 -19.96 10.59
CA SER A 186 1.82 -20.35 10.61
C SER A 186 1.46 -21.21 9.39
N SER A 187 0.79 -22.35 9.61
CA SER A 187 0.23 -23.15 8.51
CA SER A 187 0.28 -23.14 8.48
C SER A 187 -0.86 -22.45 7.72
N SER A 188 -1.37 -21.35 8.23
CA SER A 188 -2.41 -20.60 7.57
C SER A 188 -1.88 -19.59 6.53
N PHE A 189 -0.56 -19.52 6.39
CA PHE A 189 0.10 -18.60 5.43
C PHE A 189 1.18 -19.31 4.65
N GLU A 190 1.25 -19.01 3.36
CA GLU A 190 2.35 -19.45 2.51
C GLU A 190 3.14 -18.17 2.18
N CYS A 191 4.39 -18.10 2.64
CA CYS A 191 5.15 -16.86 2.58
C CYS A 191 6.32 -16.89 1.62
N THR A 192 6.57 -15.73 1.02
CA THR A 192 7.71 -15.50 0.14
C THR A 192 8.32 -14.15 0.47
N HIS A 193 9.66 -14.11 0.55
CA HIS A 193 10.38 -12.87 0.77
C HIS A 193 10.97 -12.35 -0.54
N TYR A 194 10.82 -11.02 -0.77
CA TYR A 194 11.35 -10.34 -1.94
C TYR A 194 12.33 -9.29 -1.44
N SER A 195 13.60 -9.63 -1.51
CA SER A 195 14.66 -8.73 -0.99
C SER A 195 14.80 -7.55 -1.94
N SER A 196 14.94 -6.34 -1.39
CA SER A 196 15.06 -5.15 -2.19
C SER A 196 15.83 -4.10 -1.44
N TYR A 197 15.44 -2.83 -1.62
CA TYR A 197 16.14 -1.72 -0.99
C TYR A 197 15.13 -0.77 -0.46
N LEU A 198 15.47 -0.16 0.67
CA LEU A 198 14.68 0.94 1.23
C LEU A 198 14.55 2.02 0.17
N GLU A 199 13.36 2.63 0.08
CA GLU A 199 13.12 3.69 -0.88
C GLU A 199 14.23 4.73 -0.87
N TYR A 200 14.80 4.94 -2.05
CA TYR A 200 15.72 6.08 -2.32
C TYR A 200 17.05 5.92 -1.63
N MET A 201 17.34 4.71 -1.12
CA MET A 201 18.55 4.50 -0.28
CA MET A 201 18.58 4.50 -0.33
C MET A 201 19.25 3.20 -0.67
N LYS A 202 20.56 3.15 -0.43
CA LYS A 202 21.34 1.94 -0.58
C LYS A 202 21.36 1.25 0.78
N VAL A 203 20.18 0.85 1.21
CA VAL A 203 19.95 0.11 2.42
C VAL A 203 19.02 -1.06 2.10
N VAL A 204 19.38 -2.28 2.52
CA VAL A 204 18.52 -3.41 2.22
C VAL A 204 17.19 -3.34 2.96
N ASP A 205 16.11 -3.64 2.25
CA ASP A 205 14.79 -3.79 2.84
C ASP A 205 14.14 -4.93 2.08
N GLY A 206 12.86 -5.19 2.27
CA GLY A 206 12.20 -6.17 1.45
C GLY A 206 10.72 -6.17 1.72
N LEU A 207 10.00 -6.84 0.81
CA LEU A 207 8.57 -7.08 0.92
C LEU A 207 8.37 -8.53 1.32
N GLU A 208 7.36 -8.78 2.14
CA GLU A 208 6.91 -10.17 2.43
C GLU A 208 5.54 -10.35 1.76
N LYS A 209 5.39 -11.45 1.00
CA LYS A 209 4.09 -11.85 0.49
C LYS A 209 3.65 -13.02 1.38
N ALA A 210 2.45 -12.95 1.91
CA ALA A 210 1.92 -14.01 2.77
C ALA A 210 0.54 -14.26 2.27
N ILE A 211 0.34 -15.45 1.70
CA ILE A 211 -0.94 -15.82 1.11
C ILE A 211 -1.74 -16.62 2.12
N TYR A 212 -2.92 -16.12 2.48
CA TYR A 212 -3.78 -16.82 3.43
C TYR A 212 -4.32 -18.11 2.84
N GLN A 213 -4.22 -19.17 3.64
CA GLN A 213 -4.67 -20.53 3.30
C GLN A 213 -5.96 -20.96 3.95
N GLY A 214 -6.57 -20.15 4.79
CA GLY A 214 -7.89 -20.53 5.41
C GLY A 214 -7.46 -20.90 6.82
N PRO A 215 -8.38 -21.43 7.66
CA PRO A 215 -8.01 -21.85 9.05
C PRO A 215 -7.23 -23.18 9.17
MG MG B . 6.76 1.71 3.75
CL CL C . 3.73 4.91 -0.58
CL CL D . 13.80 3.44 -4.81
S SO4 E . -13.53 1.85 -13.83
O1 SO4 E . -13.29 3.33 -13.72
O2 SO4 E . -13.61 1.37 -15.22
O3 SO4 E . -14.88 1.50 -13.26
O4 SO4 E . -12.45 1.05 -13.16
N1 76G F . 5.31 3.94 7.70
C4 76G F . 2.54 5.24 9.84
C5 76G F . 1.35 5.81 9.13
C6 76G F . 0.00 5.20 9.49
C8 76G F . -1.03 5.13 8.57
C10 76G F . -1.93 4.16 10.52
N12 76G F . -4.18 3.27 10.71
C13 76G F . -4.36 3.62 9.41
C17 76G F . 10.01 3.59 5.67
C20 76G F . 10.12 4.13 6.98
C21 76G F . 11.47 4.51 7.47
C22 76G F . 6.55 4.10 8.22
C24 76G F . 8.71 3.23 5.22
C26 76G F . 13.86 4.19 7.58
C28 76G F . 12.83 6.02 8.79
C2 76G F . 4.08 4.02 8.49
C3 76G F . 3.71 5.45 8.89
S7 76G F . -0.38 4.57 11.07
C9 76G F . -2.15 4.53 9.10
C11 76G F . -2.99 3.52 11.24
C14 76G F . -3.40 4.20 8.58
O15 76G F . 8.62 2.71 3.95
O16 76G F . 6.41 2.97 5.45
C18 76G F . 7.73 3.91 7.32
C19 76G F . 9.01 4.31 7.77
C23 76G F . 7.58 3.38 6.07
C25 76G F . 12.59 3.78 7.12
C27 76G F . 13.95 5.29 8.43
C29 76G F . 11.57 5.65 8.29
F30 76G F . 15.19 5.68 8.87
O31 76G F . 6.72 4.43 9.42
S1 D1D G . 17.81 6.91 5.84
C1 D1D G . 18.24 8.62 5.61
C2 D1D G . 17.24 9.57 6.31
O2 D1D G . 17.63 10.65 5.44
C3 D1D G . 15.74 9.45 6.02
O3 D1D G . 15.02 10.50 6.69
C4 D1D G . 15.28 8.05 6.48
S4 D1D G . 15.83 6.68 5.51
C3' NHE H . 18.25 8.73 5.48
C2' NHE H . 18.29 10.25 5.71
C1' NHE H . 16.93 10.89 5.43
C6' NHE H . 15.79 10.11 6.09
N NHE H . 16.82 12.30 5.78
C1 NHE H . 16.88 13.19 4.66
C2 NHE H . 16.73 14.67 4.86
S NHE H . 17.04 15.39 3.37
O1 NHE H . 16.39 16.73 3.40
O2 NHE H . 18.49 15.53 3.16
O3 NHE H . 16.54 14.47 2.29
C5' NHE H . 15.86 8.59 5.97
C4' NHE H . 17.23 8.07 6.41
#